data_8HN2
#
_entry.id   8HN2
#
_cell.length_a   130.640
_cell.length_b   58.695
_cell.length_c   49.680
_cell.angle_alpha   90.00
_cell.angle_beta   112.04
_cell.angle_gamma   90.00
#
_symmetry.space_group_name_H-M   'C 1 2 1'
#
loop_
_entity.id
_entity.type
_entity.pdbx_description
1 polymer 'Cytochrome b6-f complex iron-sulfur subunit'
2 non-polymer 'FE2/S2 (INORGANIC) CLUSTER'
3 water water
#
_entity_poly.entity_id   1
_entity_poly.type   'polypeptide(L)'
_entity_poly.pdbx_seq_one_letter_code
;KKIKIVNELAVGPASDVPNGTGKIYQFNDDKVIVVNHGGSLTAVSAICTHLGCLVHWDEAAD(MSE)IACPCHGAKYTQD
GKIISGPQPLPLKQYKVKIEDGKIVVSIAKLAAA
;
_entity_poly.pdbx_strand_id   A,B
#
loop_
_chem_comp.id
_chem_comp.type
_chem_comp.name
_chem_comp.formula
FES non-polymer 'FE2/S2 (INORGANIC) CLUSTER' 'Fe2 S2'
#
# COMPACT_ATOMS: atom_id res chain seq x y z
N LYS A 1 39.54 -5.65 6.78
CA LYS A 1 39.25 -5.21 8.14
C LYS A 1 37.77 -4.88 8.31
N LYS A 2 36.96 -5.16 7.29
CA LYS A 2 35.52 -5.19 7.43
C LYS A 2 34.91 -6.25 6.52
N ILE A 3 33.85 -6.87 7.03
CA ILE A 3 32.97 -7.75 6.28
C ILE A 3 31.66 -7.05 6.05
N LYS A 4 31.19 -7.11 4.82
CA LYS A 4 29.83 -6.68 4.62
C LYS A 4 29.20 -7.62 3.61
N ILE A 5 27.91 -7.83 3.81
CA ILE A 5 27.07 -8.69 3.00
C ILE A 5 26.09 -7.81 2.25
N VAL A 6 26.06 -7.92 0.92
CA VAL A 6 25.24 -7.07 0.08
C VAL A 6 24.19 -7.95 -0.60
N ASN A 7 22.93 -7.58 -0.44
CA ASN A 7 21.88 -8.08 -1.33
C ASN A 7 21.79 -7.21 -2.57
N GLU A 8 21.67 -7.84 -3.73
CA GLU A 8 21.65 -7.10 -5.00
C GLU A 8 20.60 -7.72 -5.92
N LEU A 9 19.82 -6.88 -6.60
CA LEU A 9 18.74 -7.35 -7.47
C LEU A 9 18.52 -6.39 -8.62
N ALA A 10 18.50 -6.93 -9.83
CA ALA A 10 18.02 -6.19 -11.00
C ALA A 10 16.51 -6.29 -11.02
N VAL A 11 15.84 -5.19 -10.69
CA VAL A 11 14.40 -5.30 -10.47
C VAL A 11 13.56 -5.10 -11.74
N GLY A 12 14.12 -4.49 -12.79
CA GLY A 12 13.38 -4.21 -14.01
C GLY A 12 14.15 -3.30 -14.96
N PRO A 13 13.64 -3.11 -16.18
CA PRO A 13 14.32 -2.22 -17.12
C PRO A 13 14.36 -0.77 -16.63
N ALA A 14 15.48 -0.09 -16.94
CA ALA A 14 15.63 1.33 -16.61
C ALA A 14 14.50 2.17 -17.17
N SER A 15 13.91 1.74 -18.29
CA SER A 15 12.78 2.39 -18.93
C SER A 15 11.50 2.27 -18.11
N ASP A 16 11.48 1.44 -17.06
CA ASP A 16 10.32 1.38 -16.15
C ASP A 16 10.14 2.68 -15.37
N VAL A 17 11.21 3.37 -15.02
CA VAL A 17 11.10 4.53 -14.15
C VAL A 17 11.68 5.73 -14.89
N PRO A 18 10.95 6.31 -15.83
CA PRO A 18 11.41 7.51 -16.52
C PRO A 18 11.24 8.72 -15.60
N ASN A 19 11.67 9.88 -16.09
CA ASN A 19 11.72 11.07 -15.25
C ASN A 19 10.35 11.41 -14.68
N GLY A 20 10.34 11.93 -13.46
CA GLY A 20 9.10 12.33 -12.81
C GLY A 20 8.27 11.18 -12.31
N THR A 21 8.85 10.00 -12.11
CA THR A 21 7.97 8.89 -11.72
C THR A 21 8.64 8.04 -10.66
N GLY A 22 7.83 7.25 -9.99
CA GLY A 22 8.33 6.30 -9.01
C GLY A 22 7.54 5.03 -9.14
N LYS A 23 8.21 3.92 -8.84
CA LYS A 23 7.63 2.59 -9.00
C LYS A 23 8.06 1.68 -7.85
N ILE A 24 7.15 0.83 -7.41
CA ILE A 24 7.38 -0.09 -6.29
C ILE A 24 7.79 -1.45 -6.83
N TYR A 25 8.81 -2.04 -6.19
CA TYR A 25 9.34 -3.37 -6.51
C TYR A 25 9.53 -4.17 -5.24
N GLN A 26 9.37 -5.49 -5.38
CA GLN A 26 9.69 -6.42 -4.29
C GLN A 26 11.20 -6.60 -4.17
N PHE A 27 11.73 -6.46 -2.96
CA PHE A 27 13.16 -6.69 -2.68
C PHE A 27 13.25 -7.71 -1.54
N ASN A 28 13.24 -9.00 -1.91
CA ASN A 28 13.12 -10.10 -0.96
C ASN A 28 11.90 -9.87 -0.09
N ASP A 29 12.13 -9.44 1.14
CA ASP A 29 11.07 -9.25 2.14
C ASP A 29 10.56 -7.82 2.22
N ASP A 30 11.32 -6.85 1.74
CA ASP A 30 10.85 -5.47 1.75
C ASP A 30 10.16 -5.14 0.45
N LYS A 31 9.56 -3.96 0.39
CA LYS A 31 9.21 -3.35 -0.86
C LYS A 31 9.96 -2.02 -0.97
N VAL A 32 10.54 -1.76 -2.14
CA VAL A 32 11.34 -0.57 -2.37
C VAL A 32 10.60 0.26 -3.40
N ILE A 33 10.61 1.58 -3.21
CA ILE A 33 10.14 2.50 -4.22
C ILE A 33 11.37 3.17 -4.83
N VAL A 34 11.52 3.01 -6.15
CA VAL A 34 12.57 3.64 -6.93
C VAL A 34 11.99 4.89 -7.57
N VAL A 35 12.66 6.03 -7.42
CA VAL A 35 12.15 7.31 -7.93
C VAL A 35 13.18 7.94 -8.86
N ASN A 36 12.70 8.48 -9.98
CA ASN A 36 13.51 9.19 -10.95
C ASN A 36 12.98 10.61 -11.00
N HIS A 37 13.76 11.54 -10.45
CA HIS A 37 13.32 12.92 -10.35
C HIS A 37 14.51 13.87 -10.30
N GLY A 38 14.43 14.94 -11.07
CA GLY A 38 15.48 15.95 -11.01
C GLY A 38 16.85 15.41 -11.36
N GLY A 39 16.92 14.49 -12.31
CA GLY A 39 18.18 13.88 -12.63
C GLY A 39 18.70 12.88 -11.63
N SER A 40 17.93 12.55 -10.59
CA SER A 40 18.41 11.68 -9.52
C SER A 40 17.54 10.44 -9.40
N LEU A 41 18.17 9.27 -9.48
CA LEU A 41 17.52 7.97 -9.30
C LEU A 41 17.85 7.46 -7.91
N THR A 42 16.85 7.42 -7.04
CA THR A 42 17.00 6.97 -5.66
C THR A 42 16.13 5.76 -5.40
N ALA A 43 16.40 5.07 -4.29
CA ALA A 43 15.63 3.89 -3.88
C ALA A 43 15.51 3.83 -2.37
N VAL A 44 14.27 3.83 -1.85
CA VAL A 44 14.06 3.69 -0.40
C VAL A 44 12.98 2.65 -0.15
N SER A 45 12.86 2.22 1.11
CA SER A 45 11.77 1.31 1.45
C SER A 45 10.44 2.01 1.24
N ALA A 46 9.47 1.30 0.63
CA ALA A 46 8.15 1.86 0.35
C ALA A 46 7.17 1.66 1.49
N ILE A 47 7.56 0.93 2.53
CA ILE A 47 6.68 0.67 3.65
C ILE A 47 6.92 1.70 4.75
N CYS A 48 5.88 2.46 5.05
CA CYS A 48 5.90 3.42 6.14
C CYS A 48 6.41 2.81 7.44
N THR A 49 7.33 3.50 8.11
CA THR A 49 7.85 3.01 9.39
C THR A 49 6.90 3.25 10.56
N HIS A 50 5.79 3.95 10.31
CA HIS A 50 4.76 4.15 11.36
C HIS A 50 4.06 2.82 11.59
N LEU A 51 3.17 2.44 10.68
CA LEU A 51 2.40 1.21 10.85
C LEU A 51 2.44 0.25 9.65
N GLY A 52 3.05 0.63 8.53
CA GLY A 52 3.34 -0.34 7.47
C GLY A 52 2.53 -0.37 6.17
N CYS A 53 1.91 0.75 5.77
CA CYS A 53 1.30 0.89 4.44
C CYS A 53 2.33 1.25 3.35
N LEU A 54 1.93 1.03 2.09
CA LEU A 54 2.72 1.39 0.92
C LEU A 54 2.60 2.86 0.51
N VAL A 55 3.73 3.46 0.15
CA VAL A 55 3.79 4.87 -0.27
C VAL A 55 3.82 4.97 -1.78
N HIS A 56 3.68 6.19 -2.30
CA HIS A 56 3.76 6.41 -3.73
C HIS A 56 4.47 7.74 -3.97
N TRP A 57 4.95 7.94 -5.18
CA TRP A 57 5.65 9.18 -5.51
C TRP A 57 4.66 10.25 -5.96
N ASP A 58 4.73 11.44 -5.36
CA ASP A 58 3.88 12.57 -5.80
C ASP A 58 4.77 13.56 -6.54
N GLU A 59 4.82 13.43 -7.86
CA GLU A 59 5.73 14.24 -8.67
C GLU A 59 5.39 15.73 -8.55
N ALA A 60 4.11 16.08 -8.59
CA ALA A 60 3.69 17.49 -8.55
C ALA A 60 4.21 18.18 -7.29
N ALA A 61 4.10 17.53 -6.14
CA ALA A 61 4.52 18.08 -4.87
C ALA A 61 5.97 17.77 -4.54
N ASP A 62 6.64 16.99 -5.38
CA ASP A 62 8.05 16.60 -5.18
C ASP A 62 8.25 15.85 -3.86
N MSE A 63 7.34 14.91 -3.57
CA MSE A 63 7.37 14.16 -2.32
C MSE A 63 6.88 12.74 -2.45
O MSE A 63 6.03 12.45 -3.27
CB MSE A 63 6.48 14.80 -1.23
CG MSE A 63 6.30 16.28 -1.22
SE MSE A 63 5.33 16.84 0.43
CE MSE A 63 3.50 16.49 -0.17
N ILE A 64 7.39 11.88 -1.58
CA ILE A 64 6.78 10.60 -1.27
C ILE A 64 5.67 10.79 -0.25
N ALA A 65 4.49 10.22 -0.54
CA ALA A 65 3.33 10.39 0.36
C ALA A 65 2.78 9.03 0.76
N CYS A 66 2.46 8.88 2.06
CA CYS A 66 1.85 7.66 2.59
C CYS A 66 0.36 7.87 2.78
N PRO A 67 -0.49 7.03 2.16
CA PRO A 67 -1.94 7.28 2.15
C PRO A 67 -2.65 6.99 3.47
N CYS A 68 -2.00 6.31 4.42
CA CYS A 68 -2.66 5.87 5.65
C CYS A 68 -2.81 6.98 6.68
N HIS A 69 -1.71 7.53 7.20
CA HIS A 69 -1.83 8.57 8.22
C HIS A 69 -1.10 9.85 7.82
N GLY A 70 -0.89 10.07 6.53
CA GLY A 70 -0.47 11.38 6.06
C GLY A 70 1.02 11.63 6.08
N ALA A 71 1.81 10.64 6.46
CA ALA A 71 3.26 10.75 6.40
C ALA A 71 3.71 11.27 5.04
N LYS A 72 4.60 12.26 5.07
CA LYS A 72 5.28 12.79 3.90
C LYS A 72 6.79 12.62 4.09
N TYR A 73 7.45 12.21 3.02
CA TYR A 73 8.90 11.96 3.03
C TYR A 73 9.55 12.54 1.79
N THR A 74 10.84 12.79 1.90
CA THR A 74 11.59 13.17 0.71
C THR A 74 11.81 11.98 -0.20
N GLN A 75 12.19 12.28 -1.44
CA GLN A 75 12.60 11.26 -2.40
C GLN A 75 13.61 10.29 -1.79
N ASP A 76 14.48 10.80 -0.89
CA ASP A 76 15.50 10.03 -0.19
C ASP A 76 14.99 9.36 1.08
N GLY A 77 13.70 9.43 1.36
CA GLY A 77 13.15 8.80 2.54
C GLY A 77 13.19 9.61 3.83
N LYS A 78 13.75 10.82 3.81
CA LYS A 78 13.81 11.62 5.04
C LYS A 78 12.43 12.15 5.44
N ILE A 79 12.21 12.32 6.73
CA ILE A 79 10.90 12.76 7.21
C ILE A 79 10.66 14.22 6.86
N ILE A 80 9.52 14.50 6.22
CA ILE A 80 9.05 15.87 6.05
C ILE A 80 8.08 16.24 7.15
N SER A 81 7.09 15.38 7.38
CA SER A 81 6.02 15.61 8.35
C SER A 81 5.27 14.28 8.53
N GLY A 82 4.43 14.24 9.58
CA GLY A 82 3.62 13.09 9.89
C GLY A 82 3.94 12.46 11.23
N PRO A 83 3.23 11.39 11.57
CA PRO A 83 3.49 10.66 12.84
C PRO A 83 4.59 9.62 12.77
N GLN A 84 5.29 9.48 11.65
CA GLN A 84 6.18 8.34 11.51
C GLN A 84 7.41 8.53 12.40
N PRO A 85 7.91 7.45 13.03
CA PRO A 85 9.08 7.58 13.92
C PRO A 85 10.40 7.69 13.19
N LEU A 86 10.50 7.11 12.00
CA LEU A 86 11.77 6.83 11.37
C LEU A 86 11.75 7.24 9.90
N PRO A 87 12.91 7.58 9.35
CA PRO A 87 13.00 7.72 7.89
C PRO A 87 12.93 6.35 7.24
N LEU A 88 12.55 6.34 5.97
CA LEU A 88 12.53 5.10 5.21
C LEU A 88 13.96 4.69 4.87
N LYS A 89 14.27 3.43 5.10
CA LYS A 89 15.63 2.93 4.88
C LYS A 89 16.09 3.21 3.46
N GLN A 90 17.32 3.70 3.33
CA GLN A 90 17.89 4.11 2.04
C GLN A 90 18.60 2.93 1.40
N TYR A 91 18.36 2.73 0.12
CA TYR A 91 19.04 1.74 -0.68
C TYR A 91 20.02 2.41 -1.63
N LYS A 92 20.88 1.61 -2.22
CA LYS A 92 21.68 2.05 -3.34
C LYS A 92 21.01 1.55 -4.61
N VAL A 93 21.23 2.27 -5.70
CA VAL A 93 20.57 1.92 -6.95
C VAL A 93 21.40 2.46 -8.10
N LYS A 94 21.45 1.67 -9.16
CA LYS A 94 22.26 1.98 -10.33
C LYS A 94 21.61 1.39 -11.55
N ILE A 95 22.04 1.86 -12.72
CA ILE A 95 21.65 1.28 -14.00
C ILE A 95 22.82 0.45 -14.46
N GLU A 96 22.53 -0.79 -14.85
CA GLU A 96 23.52 -1.73 -15.31
C GLU A 96 22.86 -2.57 -16.40
N ASP A 97 23.39 -2.49 -17.63
CA ASP A 97 22.84 -3.26 -18.75
C ASP A 97 21.39 -2.90 -19.01
N GLY A 98 21.09 -1.60 -18.92
CA GLY A 98 19.72 -1.12 -19.06
C GLY A 98 18.78 -1.58 -17.98
N LYS A 99 19.30 -2.05 -16.85
CA LYS A 99 18.51 -2.56 -15.75
C LYS A 99 18.71 -1.80 -14.45
N ILE A 100 17.62 -1.65 -13.69
CA ILE A 100 17.66 -1.01 -12.39
C ILE A 100 18.15 -2.05 -11.40
N VAL A 101 19.30 -1.80 -10.81
CA VAL A 101 19.93 -2.72 -9.88
C VAL A 101 19.90 -2.03 -8.51
N VAL A 102 19.10 -2.58 -7.60
CA VAL A 102 18.96 -2.09 -6.24
C VAL A 102 19.78 -2.99 -5.33
N SER A 103 20.38 -2.40 -4.27
CA SER A 103 21.20 -3.15 -3.32
C SER A 103 21.25 -2.43 -1.96
N ILE A 104 21.51 -3.23 -0.91
CA ILE A 104 21.64 -2.77 0.47
C ILE A 104 22.71 -3.63 1.14
N ALA A 105 23.52 -3.01 2.01
CA ALA A 105 24.68 -3.64 2.63
C ALA A 105 24.61 -3.57 4.16
N LYS A 106 25.08 -4.65 4.81
CA LYS A 106 25.16 -4.69 6.28
C LYS A 106 26.56 -5.10 6.69
N LEU A 107 27.17 -4.29 7.55
CA LEU A 107 28.61 -4.26 7.79
C LEU A 107 28.95 -5.08 9.04
N ALA A 108 30.24 -5.40 9.20
CA ALA A 108 30.75 -6.16 10.35
C ALA A 108 32.29 -6.23 10.39
N ALA A 109 32.91 -5.88 11.52
CA ALA A 109 34.37 -5.74 11.57
C ALA A 109 35.11 -7.07 11.79
N ALA A 110 36.29 -7.18 11.17
CA ALA A 110 37.15 -8.37 11.28
C ALA A 110 38.33 -8.16 12.23
N LYS B 1 -33.54 -22.17 8.17
CA LYS B 1 -33.15 -22.91 6.97
C LYS B 1 -31.79 -22.48 6.42
N LYS B 2 -31.12 -21.59 7.13
CA LYS B 2 -29.70 -21.38 6.93
C LYS B 2 -29.06 -21.00 8.27
N ILE B 3 -27.88 -21.56 8.54
CA ILE B 3 -27.04 -21.21 9.68
C ILE B 3 -25.73 -20.63 9.16
N LYS B 4 -25.25 -19.55 9.78
CA LYS B 4 -23.96 -19.03 9.37
C LYS B 4 -23.13 -18.55 10.55
N ILE B 5 -21.82 -18.54 10.33
CA ILE B 5 -20.83 -18.06 11.29
C ILE B 5 -20.44 -16.67 10.86
N VAL B 6 -20.59 -15.68 11.74
CA VAL B 6 -20.22 -14.32 11.39
C VAL B 6 -19.10 -13.88 12.32
N ASN B 7 -17.98 -13.42 11.73
CA ASN B 7 -17.04 -12.56 12.43
C ASN B 7 -17.46 -11.12 12.37
N GLU B 8 -17.38 -10.45 13.51
CA GLU B 8 -17.80 -9.07 13.64
C GLU B 8 -16.81 -8.37 14.56
N LEU B 9 -16.46 -7.14 14.20
CA LEU B 9 -15.48 -6.35 14.92
C LEU B 9 -15.88 -4.89 14.74
N ALA B 10 -15.99 -4.16 15.85
CA ALA B 10 -16.11 -2.70 15.79
C ALA B 10 -14.70 -2.15 15.62
N VAL B 11 -14.37 -1.69 14.42
CA VAL B 11 -12.97 -1.47 14.09
C VAL B 11 -12.44 -0.10 14.46
N GLY B 12 -13.33 0.87 14.66
CA GLY B 12 -12.92 2.22 14.96
C GLY B 12 -14.15 3.09 14.98
N PRO B 13 -14.01 4.36 15.38
CA PRO B 13 -15.13 5.30 15.33
C PRO B 13 -15.54 5.61 13.89
N ALA B 14 -16.84 5.87 13.71
CA ALA B 14 -17.32 6.30 12.41
C ALA B 14 -16.63 7.56 11.93
N SER B 15 -16.18 8.40 12.86
CA SER B 15 -15.52 9.64 12.47
C SER B 15 -14.21 9.39 11.74
N ASP B 16 -13.67 8.17 11.80
CA ASP B 16 -12.43 7.83 11.09
C ASP B 16 -12.59 7.90 9.58
N VAL B 17 -13.78 7.59 9.05
CA VAL B 17 -13.97 7.47 7.61
C VAL B 17 -15.04 8.46 7.17
N PRO B 18 -14.73 9.76 7.09
CA PRO B 18 -15.72 10.72 6.56
C PRO B 18 -15.87 10.59 5.06
N ASN B 19 -16.80 11.36 4.50
CA ASN B 19 -17.12 11.27 3.09
C ASN B 19 -15.87 11.48 2.26
N GLY B 20 -15.78 10.76 1.14
CA GLY B 20 -14.65 10.89 0.24
C GLY B 20 -13.38 10.24 0.73
N THR B 21 -13.43 9.28 1.64
CA THR B 21 -12.16 8.76 2.14
C THR B 21 -12.26 7.25 2.35
N GLY B 22 -11.12 6.60 2.51
CA GLY B 22 -11.08 5.18 2.83
C GLY B 22 -9.96 4.87 3.81
N LYS B 23 -10.19 3.86 4.65
CA LYS B 23 -9.24 3.56 5.73
C LYS B 23 -9.04 2.07 5.85
N ILE B 24 -7.81 1.66 6.19
CA ILE B 24 -7.44 0.24 6.32
C ILE B 24 -7.55 -0.19 7.77
N TYR B 25 -8.13 -1.36 7.99
CA TYR B 25 -8.24 -1.94 9.32
C TYR B 25 -7.80 -3.40 9.34
N GLN B 26 -7.17 -3.81 10.43
CA GLN B 26 -6.90 -5.22 10.65
C GLN B 26 -8.20 -5.92 11.01
N PHE B 27 -8.53 -7.01 10.32
CA PHE B 27 -9.74 -7.77 10.60
C PHE B 27 -9.31 -9.22 10.83
N ASN B 28 -8.94 -9.52 12.07
CA ASN B 28 -8.32 -10.80 12.41
C ASN B 28 -7.19 -11.09 11.45
N ASP B 29 -7.43 -11.97 10.46
CA ASP B 29 -6.38 -12.43 9.55
C ASP B 29 -6.32 -11.63 8.25
N ASP B 30 -7.41 -10.97 7.86
CA ASP B 30 -7.44 -10.13 6.67
C ASP B 30 -7.14 -8.68 7.07
N LYS B 31 -6.98 -7.84 6.06
CA LYS B 31 -7.08 -6.40 6.21
C LYS B 31 -8.23 -5.92 5.33
N VAL B 32 -9.05 -5.00 5.84
CA VAL B 32 -10.21 -4.49 5.12
C VAL B 32 -10.03 -3.00 4.84
N ILE B 33 -10.48 -2.55 3.69
CA ILE B 33 -10.57 -1.13 3.39
C ILE B 33 -12.04 -0.75 3.44
N VAL B 34 -12.37 0.17 4.34
CA VAL B 34 -13.68 0.76 4.48
C VAL B 34 -13.66 2.08 3.73
N VAL B 35 -14.60 2.29 2.80
CA VAL B 35 -14.65 3.49 1.98
C VAL B 35 -16.01 4.14 2.15
N ASN B 36 -16.01 5.47 2.32
CA ASN B 36 -17.22 6.27 2.44
C ASN B 36 -17.23 7.21 1.24
N HIS B 37 -18.14 6.92 0.30
CA HIS B 37 -18.21 7.70 -0.93
C HIS B 37 -19.62 7.66 -1.47
N GLY B 38 -20.13 8.81 -1.88
CA GLY B 38 -21.43 8.84 -2.52
C GLY B 38 -22.57 8.33 -1.67
N GLY B 39 -22.55 8.64 -0.38
CA GLY B 39 -23.58 8.15 0.52
C GLY B 39 -23.47 6.69 0.87
N SER B 40 -22.42 6.00 0.42
CA SER B 40 -22.31 4.56 0.56
C SER B 40 -21.06 4.21 1.34
N LEU B 41 -21.25 3.50 2.44
CA LEU B 41 -20.17 2.98 3.28
C LEU B 41 -20.02 1.51 2.92
N THR B 42 -18.88 1.17 2.30
CA THR B 42 -18.58 -0.20 1.92
C THR B 42 -17.32 -0.66 2.61
N ALA B 43 -17.11 -1.98 2.62
CA ALA B 43 -15.91 -2.60 3.19
C ALA B 43 -15.57 -3.84 2.38
N VAL B 44 -14.32 -3.90 1.87
CA VAL B 44 -13.84 -5.06 1.13
C VAL B 44 -12.43 -5.40 1.58
N SER B 45 -11.95 -6.57 1.17
CA SER B 45 -10.58 -6.92 1.50
C SER B 45 -9.61 -5.93 0.88
N ALA B 46 -8.61 -5.52 1.65
CA ALA B 46 -7.59 -4.58 1.21
C ALA B 46 -6.40 -5.23 0.50
N ILE B 47 -6.35 -6.57 0.46
CA ILE B 47 -5.21 -7.29 -0.10
C ILE B 47 -5.47 -7.54 -1.58
N CYS B 48 -4.69 -6.87 -2.43
CA CYS B 48 -4.80 -7.08 -3.87
C CYS B 48 -4.69 -8.57 -4.18
N THR B 49 -5.62 -9.08 -5.02
CA THR B 49 -5.65 -10.50 -5.34
C THR B 49 -4.58 -10.92 -6.34
N HIS B 50 -3.86 -9.97 -6.96
CA HIS B 50 -2.75 -10.34 -7.82
C HIS B 50 -1.61 -10.88 -6.96
N LEU B 51 -0.85 -9.99 -6.31
CA LEU B 51 0.34 -10.39 -5.56
C LEU B 51 0.31 -9.92 -4.11
N GLY B 52 -0.76 -9.27 -3.68
CA GLY B 52 -1.01 -9.09 -2.27
C GLY B 52 -0.53 -7.79 -1.68
N CYS B 53 -0.28 -6.77 -2.49
CA CYS B 53 0.05 -5.49 -1.91
C CYS B 53 -1.20 -4.90 -1.27
N LEU B 54 -0.97 -3.99 -0.33
CA LEU B 54 -2.06 -3.27 0.29
C LEU B 54 -2.57 -2.22 -0.69
N VAL B 55 -3.90 -2.12 -0.83
CA VAL B 55 -4.52 -1.17 -1.74
C VAL B 55 -4.94 0.08 -0.98
N HIS B 56 -5.34 1.12 -1.72
CA HIS B 56 -5.85 2.34 -1.08
C HIS B 56 -7.00 2.93 -1.90
N TRP B 57 -7.78 3.81 -1.28
CA TRP B 57 -8.87 4.48 -1.96
C TRP B 57 -8.34 5.69 -2.75
N ASP B 58 -8.73 5.84 -4.00
CA ASP B 58 -8.41 7.03 -4.79
C ASP B 58 -9.71 7.81 -5.02
N GLU B 59 -9.98 8.81 -4.17
CA GLU B 59 -11.26 9.53 -4.29
C GLU B 59 -11.40 10.22 -5.64
N ALA B 60 -10.35 10.87 -6.14
CA ALA B 60 -10.44 11.60 -7.41
C ALA B 60 -10.90 10.70 -8.55
N ALA B 61 -10.36 9.48 -8.61
CA ALA B 61 -10.70 8.57 -9.70
C ALA B 61 -11.87 7.66 -9.37
N ASP B 62 -12.39 7.74 -8.14
CA ASP B 62 -13.55 6.92 -7.74
C ASP B 62 -13.25 5.42 -7.85
N MSE B 63 -12.06 5.02 -7.37
CA MSE B 63 -11.59 3.65 -7.47
C MSE B 63 -10.65 3.25 -6.34
O MSE B 63 -9.90 4.10 -5.83
CB MSE B 63 -10.81 3.42 -8.78
CG MSE B 63 -11.38 3.96 -10.03
SE MSE B 63 -10.19 3.44 -11.51
CE MSE B 63 -8.71 4.64 -11.17
N ILE B 64 -10.66 1.96 -6.02
CA ILE B 64 -9.60 1.34 -5.23
C ILE B 64 -8.47 0.96 -6.18
N ALA B 65 -7.26 1.39 -5.84
CA ALA B 65 -6.08 1.26 -6.69
C ALA B 65 -4.99 0.50 -5.97
N CYS B 66 -4.33 -0.43 -6.67
CA CYS B 66 -3.20 -1.09 -6.04
C CYS B 66 -1.90 -0.48 -6.52
N PRO B 67 -1.03 -0.02 -5.63
CA PRO B 67 0.13 0.76 -6.10
C PRO B 67 1.20 -0.06 -6.80
N CYS B 68 1.19 -1.39 -6.69
CA CYS B 68 2.29 -2.17 -7.25
C CYS B 68 2.18 -2.28 -8.77
N HIS B 69 1.17 -2.99 -9.28
CA HIS B 69 1.09 -3.25 -10.72
C HIS B 69 -0.22 -2.77 -11.35
N GLY B 70 -0.90 -1.78 -10.76
CA GLY B 70 -1.96 -1.09 -11.48
C GLY B 70 -3.37 -1.66 -11.41
N ALA B 71 -3.60 -2.70 -10.61
CA ALA B 71 -4.95 -3.19 -10.37
C ALA B 71 -5.90 -2.08 -9.95
N LYS B 72 -7.04 -2.02 -10.60
CA LYS B 72 -8.10 -1.09 -10.23
C LYS B 72 -9.35 -1.88 -9.89
N TYR B 73 -10.05 -1.44 -8.85
CA TYR B 73 -11.29 -2.05 -8.41
C TYR B 73 -12.31 -0.95 -8.10
N THR B 74 -13.59 -1.29 -8.22
CA THR B 74 -14.65 -0.40 -7.76
C THR B 74 -14.68 -0.36 -6.24
N GLN B 75 -15.40 0.62 -5.71
CA GLN B 75 -15.62 0.72 -4.26
C GLN B 75 -16.08 -0.61 -3.64
N ASP B 76 -16.90 -1.38 -4.39
CA ASP B 76 -17.45 -2.68 -3.97
C ASP B 76 -16.49 -3.83 -4.23
N GLY B 77 -15.27 -3.53 -4.66
CA GLY B 77 -14.26 -4.55 -4.83
C GLY B 77 -14.26 -5.23 -6.18
N LYS B 78 -15.18 -4.88 -7.08
CA LYS B 78 -15.26 -5.53 -8.38
C LYS B 78 -14.06 -5.14 -9.22
N ILE B 79 -13.61 -6.05 -10.07
CA ILE B 79 -12.46 -5.77 -10.94
C ILE B 79 -12.85 -4.73 -11.97
N ILE B 80 -12.06 -3.68 -12.09
CA ILE B 80 -12.20 -2.77 -13.23
C ILE B 80 -11.22 -3.15 -14.33
N SER B 81 -9.93 -3.26 -13.98
CA SER B 81 -8.85 -3.52 -14.92
C SER B 81 -7.61 -3.90 -14.13
N GLY B 82 -6.62 -4.45 -14.83
CA GLY B 82 -5.38 -4.85 -14.20
C GLY B 82 -5.09 -6.32 -14.31
N PRO B 83 -3.96 -6.76 -13.75
CA PRO B 83 -3.58 -8.19 -13.84
C PRO B 83 -4.23 -9.07 -12.80
N GLN B 84 -5.13 -8.54 -11.96
CA GLN B 84 -5.62 -9.32 -10.85
C GLN B 84 -6.60 -10.39 -11.32
N PRO B 85 -6.59 -11.56 -10.70
CA PRO B 85 -7.52 -12.63 -11.10
C PRO B 85 -8.92 -12.48 -10.52
N LEU B 86 -9.04 -11.82 -9.37
CA LEU B 86 -10.24 -11.92 -8.55
C LEU B 86 -10.69 -10.57 -8.03
N PRO B 87 -11.98 -10.40 -7.74
CA PRO B 87 -12.43 -9.21 -7.01
C PRO B 87 -12.05 -9.27 -5.53
N LEU B 88 -12.06 -8.08 -4.90
CA LEU B 88 -11.79 -8.01 -3.48
C LEU B 88 -13.01 -8.49 -2.71
N LYS B 89 -12.79 -9.44 -1.80
CA LYS B 89 -13.88 -10.03 -1.06
C LYS B 89 -14.67 -8.98 -0.29
N GLN B 90 -15.99 -9.03 -0.42
CA GLN B 90 -16.85 -8.01 0.15
C GLN B 90 -17.21 -8.33 1.59
N TYR B 91 -17.12 -7.33 2.44
CA TYR B 91 -17.57 -7.42 3.82
C TYR B 91 -18.87 -6.65 3.94
N LYS B 92 -19.54 -6.82 5.06
CA LYS B 92 -20.66 -5.95 5.37
C LYS B 92 -20.18 -5.00 6.45
N VAL B 93 -20.79 -3.83 6.51
CA VAL B 93 -20.34 -2.80 7.43
C VAL B 93 -21.54 -1.94 7.77
N LYS B 94 -21.59 -1.50 9.03
CA LYS B 94 -22.68 -0.65 9.51
C LYS B 94 -22.13 0.19 10.64
N ILE B 95 -22.87 1.24 11.02
CA ILE B 95 -22.54 2.11 12.16
C ILE B 95 -23.38 1.74 13.38
N GLU B 96 -22.72 1.56 14.51
CA GLU B 96 -23.29 1.34 15.85
C GLU B 96 -22.56 2.12 16.90
N ASP B 97 -23.30 3.01 17.58
CA ASP B 97 -22.74 3.80 18.66
C ASP B 97 -21.57 4.61 18.14
N GLY B 98 -21.75 5.15 16.93
CA GLY B 98 -20.68 5.88 16.29
C GLY B 98 -19.46 5.05 15.98
N LYS B 99 -19.60 3.73 15.94
CA LYS B 99 -18.49 2.84 15.62
C LYS B 99 -18.76 2.03 14.36
N ILE B 100 -17.70 1.83 13.59
CA ILE B 100 -17.73 1.07 12.35
C ILE B 100 -17.64 -0.41 12.69
N VAL B 101 -18.68 -1.17 12.35
CA VAL B 101 -18.75 -2.61 12.62
C VAL B 101 -18.69 -3.33 11.29
N VAL B 102 -17.60 -4.08 11.08
CA VAL B 102 -17.39 -4.87 9.87
C VAL B 102 -17.69 -6.33 10.19
N SER B 103 -18.27 -7.05 9.23
CA SER B 103 -18.64 -8.43 9.47
C SER B 103 -18.66 -9.21 8.16
N ILE B 104 -18.46 -10.51 8.28
CA ILE B 104 -18.39 -11.43 7.14
C ILE B 104 -18.93 -12.80 7.57
N ALA B 105 -19.62 -13.50 6.65
CA ALA B 105 -20.29 -14.77 6.96
C ALA B 105 -19.75 -15.94 6.15
N LYS B 106 -19.70 -17.11 6.81
CA LYS B 106 -19.36 -18.41 6.22
C LYS B 106 -20.53 -19.34 6.49
N LEU B 107 -21.05 -19.97 5.45
CA LEU B 107 -22.41 -20.53 5.50
C LEU B 107 -22.44 -21.99 5.97
N ALA B 108 -23.68 -22.46 6.19
CA ALA B 108 -24.00 -23.84 6.55
C ALA B 108 -25.52 -24.04 6.48
N ALA B 109 -25.98 -24.88 5.57
CA ALA B 109 -27.42 -25.03 5.35
C ALA B 109 -27.99 -26.19 6.18
N ALA B 110 -29.25 -26.03 6.59
CA ALA B 110 -29.97 -27.09 7.28
C ALA B 110 -31.47 -26.84 7.22
FE1 FES C . 2.19 5.24 7.01
FE2 FES C . 0.91 5.35 9.43
S1 FES C . 1.45 7.07 8.07
S2 FES C . 1.35 3.54 8.21
FE1 FES D . -1.86 -5.36 -6.93
FE2 FES D . 0.01 -6.66 -8.39
S1 FES D . -1.47 -5.13 -9.08
S2 FES D . -0.17 -6.64 -6.20
#